data_1RQ5
#
_entry.id   1RQ5
#
_cell.length_a   108.600
_cell.length_b   108.600
_cell.length_c   119.180
_cell.angle_alpha   90.00
_cell.angle_beta   90.00
_cell.angle_gamma   120.00
#
_symmetry.space_group_name_H-M   'P 61'
#
loop_
_entity.id
_entity.type
_entity.pdbx_description
1 polymer Cellobiohydrolase
2 branched beta-D-glucopyranose-(1-4)-beta-D-glucopyranose-(1-4)-beta-D-glucopyranose-(1-4)-beta-D-glucopyranose
3 non-polymer 'CALCIUM ION'
4 water water
#
_entity_poly.entity_id   1
_entity_poly.type   'polypeptide(L)'
_entity_poly.pdbx_seq_one_letter_code
;ILPQPDVRVNQVGYLPEGKKVATVVCNSTQPVKWQLKNAAGVVVLEGYTEPKGLDKDSQDYVHWLDFSDFATEGIGYYFE
LPTVNSPTNYSHPFDIRKDIYTQMKYDALAFFYHKRSGIPIEMPYAGGEQWTRPAGHIGIEPNKGDTNVPTWPQDDEYAG
IPQKNYTKDVTGGWYDAGDHGKYVVNGGIAVWTLMNMYERAKIRGLDNWGPYRDGGMNIPEQNNGYPDILDEARWEIEFF
KKMQVTEKEDPSIAGMVHHKIHDFRWTALGMLPHEDPQPRYLRPVSTAATLNFAATLAQSARLWKDYDPTFAADCLEKAE
IAWQAALKHPDIYAEYTPGSGGPGGGPYNDDYVGDEFYWAACELYVTTGKDEYKNYLMNSPHYLEMPAKMGENGGANGED
NGLWGCFTWGTTQGLGTITLALVENGLPATDIQKARNNIAKAADRWLENIEEQGYRLPIKQAEDERGGYPWGSNSFILNQ
MIVMGYAYDFTGDSKYLDGMFDGISYLLGRNAMDQSYVTGYGERPLQNPHDRFWTPQTSKRFPAPPPGIISGGPNSRFED
PTINAAVKKDTPPQKCFIDHTDSWGTNQITVNWNAPFAWVTAYLDEQYTD
;
_entity_poly.pdbx_strand_id   A
#
loop_
_chem_comp.id
_chem_comp.type
_chem_comp.name
_chem_comp.formula
BGC D-saccharide, beta linking beta-D-glucopyranose 'C6 H12 O6'
CA non-polymer 'CALCIUM ION' 'Ca 2'
#
# COMPACT_ATOMS: atom_id res chain seq x y z
N ILE A 1 28.07 -10.35 5.24
CA ILE A 1 27.04 -9.52 5.94
C ILE A 1 27.44 -8.03 5.94
N LEU A 2 26.45 -7.14 5.83
CA LEU A 2 26.69 -5.70 5.79
C LEU A 2 26.67 -5.07 7.17
N PRO A 3 27.75 -4.36 7.54
CA PRO A 3 28.02 -3.66 8.79
C PRO A 3 26.99 -2.74 9.44
N GLN A 4 26.29 -1.95 8.64
CA GLN A 4 25.32 -0.98 9.16
C GLN A 4 26.02 0.35 9.47
N PRO A 5 26.03 1.27 8.51
CA PRO A 5 26.65 2.59 8.61
C PRO A 5 26.08 3.44 9.75
N ASP A 6 26.96 4.21 10.40
CA ASP A 6 26.55 5.07 11.50
C ASP A 6 25.70 6.19 10.92
N VAL A 7 25.94 6.49 9.66
CA VAL A 7 25.20 7.55 8.97
C VAL A 7 24.14 6.88 8.10
N ARG A 8 22.89 6.96 8.54
CA ARG A 8 21.77 6.38 7.81
C ARG A 8 21.27 7.35 6.77
N VAL A 9 21.21 6.89 5.52
CA VAL A 9 20.78 7.72 4.42
C VAL A 9 19.82 6.94 3.55
N ASN A 10 19.29 7.59 2.50
CA ASN A 10 18.42 6.92 1.55
C ASN A 10 19.45 6.12 0.77
N GLN A 11 19.33 4.79 0.80
CA GLN A 11 20.30 3.94 0.14
C GLN A 11 20.44 4.03 -1.37
N VAL A 12 19.48 4.31 -2.06
CA VAL A 12 19.48 4.76 -3.43
C VAL A 12 19.72 6.26 -3.54
N GLY A 13 19.20 7.20 -3.15
CA GLY A 13 19.72 8.51 -3.47
C GLY A 13 18.71 9.61 -3.23
N TYR A 14 19.07 10.81 -3.66
CA TYR A 14 18.21 11.96 -3.48
C TYR A 14 17.97 12.76 -4.76
N LEU A 15 16.79 13.37 -4.84
CA LEU A 15 16.51 14.22 -5.99
C LEU A 15 17.37 15.45 -5.64
N PRO A 16 18.10 16.00 -6.60
CA PRO A 16 19.00 17.16 -6.49
C PRO A 16 18.43 18.26 -5.60
N GLU A 17 17.13 18.53 -5.69
CA GLU A 17 16.52 19.64 -4.96
C GLU A 17 15.46 19.24 -3.93
N GLY A 18 15.70 19.63 -2.68
CA GLY A 18 14.76 19.32 -1.62
C GLY A 18 15.44 19.05 -0.29
N LYS A 19 14.64 18.98 0.76
CA LYS A 19 15.18 18.70 2.10
C LYS A 19 15.89 17.35 2.12
N LYS A 20 17.04 17.32 2.78
CA LYS A 20 17.82 16.09 2.86
C LYS A 20 18.48 16.00 4.24
N VAL A 21 17.91 15.18 5.12
CA VAL A 21 18.46 15.01 6.46
C VAL A 21 18.72 13.54 6.79
N ALA A 22 19.99 13.19 6.91
CA ALA A 22 20.37 11.83 7.26
C ALA A 22 20.22 11.73 8.79
N THR A 23 20.38 10.53 9.34
CA THR A 23 20.31 10.35 10.78
C THR A 23 21.56 9.58 11.19
N VAL A 24 22.30 10.11 12.14
CA VAL A 24 23.52 9.45 12.57
C VAL A 24 23.32 8.76 13.92
N VAL A 25 24.13 7.74 14.15
CA VAL A 25 24.07 7.03 15.42
C VAL A 25 25.19 7.63 16.26
N CYS A 26 24.86 8.58 17.14
CA CYS A 26 25.89 9.20 17.94
C CYS A 26 25.52 9.62 19.34
N ASN A 27 25.82 8.72 20.26
CA ASN A 27 25.60 8.88 21.69
C ASN A 27 26.43 10.08 22.11
N SER A 28 27.46 10.36 21.33
CA SER A 28 28.40 11.45 21.57
C SER A 28 27.77 12.85 21.58
N THR A 29 26.53 12.94 22.09
CA THR A 29 25.80 14.21 22.15
C THR A 29 26.70 15.43 22.33
N GLN A 30 26.95 16.09 21.21
CA GLN A 30 27.76 17.28 21.11
C GLN A 30 28.07 17.29 19.61
N PRO A 31 27.64 18.34 18.89
CA PRO A 31 27.88 18.42 17.44
C PRO A 31 29.21 17.86 16.99
N VAL A 32 29.19 16.73 16.29
CA VAL A 32 30.41 16.12 15.75
C VAL A 32 30.50 16.44 14.25
N LYS A 33 31.73 16.55 13.75
CA LYS A 33 31.99 16.89 12.35
C LYS A 33 31.67 15.81 11.33
N TRP A 34 31.07 16.23 10.21
CA TRP A 34 30.76 15.31 9.12
C TRP A 34 31.32 15.86 7.82
N GLN A 35 31.26 15.08 6.77
CA GLN A 35 31.78 15.54 5.49
C GLN A 35 31.35 14.69 4.32
N LEU A 36 30.54 15.28 3.45
CA LEU A 36 30.03 14.61 2.25
C LEU A 36 31.18 14.45 1.24
N LYS A 37 31.50 13.21 0.88
CA LYS A 37 32.57 12.96 -0.06
C LYS A 37 32.05 12.34 -1.35
N ASN A 38 32.68 12.69 -2.47
CA ASN A 38 32.30 12.11 -3.75
C ASN A 38 32.96 10.76 -3.81
N ALA A 39 32.70 10.01 -4.88
CA ALA A 39 33.25 8.67 -5.04
C ALA A 39 34.78 8.61 -4.94
N ALA A 40 35.45 9.66 -5.40
CA ALA A 40 36.90 9.72 -5.39
C ALA A 40 37.54 9.89 -3.99
N GLY A 41 36.79 10.46 -3.06
CA GLY A 41 37.31 10.65 -1.72
C GLY A 41 37.37 12.10 -1.30
N VAL A 42 37.46 13.01 -2.27
CA VAL A 42 37.55 14.44 -2.00
C VAL A 42 36.32 14.94 -1.24
N VAL A 43 36.56 15.78 -0.22
CA VAL A 43 35.48 16.36 0.59
C VAL A 43 34.79 17.49 -0.15
N VAL A 44 33.70 17.17 -0.83
CA VAL A 44 32.94 18.14 -1.61
C VAL A 44 31.95 18.93 -0.75
N LEU A 45 32.00 18.72 0.56
CA LEU A 45 31.13 19.44 1.51
C LEU A 45 31.39 18.99 2.95
N GLU A 46 31.00 19.81 3.92
CA GLU A 46 31.19 19.45 5.32
C GLU A 46 30.41 20.34 6.28
N GLY A 47 30.44 19.97 7.56
CA GLY A 47 29.72 20.69 8.60
C GLY A 47 29.69 19.89 9.89
N TYR A 48 28.72 20.19 10.75
CA TYR A 48 28.58 19.49 12.02
C TYR A 48 27.20 18.89 12.19
N THR A 49 27.06 17.95 13.12
CA THR A 49 25.78 17.28 13.37
C THR A 49 24.84 18.02 14.35
N GLU A 50 23.58 17.63 14.38
CA GLU A 50 22.60 18.23 15.28
C GLU A 50 22.11 17.22 16.32
N PRO A 51 22.58 17.35 17.58
CA PRO A 51 22.20 16.46 18.67
C PRO A 51 20.71 16.49 18.99
N LYS A 52 20.06 15.34 18.84
CA LYS A 52 18.64 15.24 19.11
C LYS A 52 18.41 14.36 20.35
N GLY A 53 19.42 13.56 20.69
CA GLY A 53 19.33 12.69 21.87
C GLY A 53 18.71 11.32 21.69
N LEU A 54 18.23 10.74 22.80
CA LEU A 54 17.62 9.42 22.79
C LEU A 54 16.30 9.43 22.04
N ASP A 55 16.26 8.66 20.94
CA ASP A 55 15.06 8.55 20.12
C ASP A 55 14.23 7.38 20.66
N LYS A 56 13.05 7.72 21.18
CA LYS A 56 12.11 6.77 21.76
C LYS A 56 11.80 5.46 21.02
N ASP A 57 11.59 5.54 19.71
CA ASP A 57 11.22 4.35 18.93
C ASP A 57 12.36 3.41 18.58
N SER A 58 13.58 3.92 18.52
CA SER A 58 14.71 3.08 18.15
C SER A 58 15.77 2.86 19.24
N GLN A 59 15.58 3.52 20.38
CA GLN A 59 16.53 3.45 21.48
C GLN A 59 17.94 3.69 20.95
N ASP A 60 18.11 4.78 20.22
CA ASP A 60 19.40 5.15 19.68
C ASP A 60 19.64 6.61 19.98
N TYR A 61 20.89 6.95 20.30
CA TYR A 61 21.25 8.34 20.56
C TYR A 61 21.57 8.83 19.15
N VAL A 62 20.84 9.85 18.69
CA VAL A 62 21.05 10.35 17.34
C VAL A 62 21.18 11.85 17.12
N HIS A 63 21.75 12.18 15.97
CA HIS A 63 21.90 13.57 15.55
C HIS A 63 21.35 13.60 14.12
N TRP A 64 20.90 14.77 13.68
CA TRP A 64 20.42 14.94 12.33
C TRP A 64 21.60 15.51 11.56
N LEU A 65 21.68 15.22 10.27
CA LEU A 65 22.76 15.74 9.46
C LEU A 65 22.09 16.36 8.25
N ASP A 66 21.68 17.61 8.39
CA ASP A 66 21.01 18.32 7.31
C ASP A 66 21.98 18.78 6.23
N PHE A 67 21.74 18.31 5.02
CA PHE A 67 22.57 18.69 3.89
C PHE A 67 21.68 19.06 2.71
N SER A 68 20.54 19.69 3.01
CA SER A 68 19.57 20.15 2.01
C SER A 68 20.16 21.13 1.00
N ASP A 69 21.08 21.97 1.46
CA ASP A 69 21.72 22.97 0.61
C ASP A 69 22.41 22.35 -0.61
N PHE A 70 23.13 21.26 -0.38
CA PHE A 70 23.85 20.57 -1.45
C PHE A 70 22.89 20.02 -2.51
N ALA A 71 23.28 20.17 -3.78
CA ALA A 71 22.44 19.69 -4.88
C ALA A 71 23.23 19.39 -6.14
N THR A 72 24.42 18.82 -5.99
CA THR A 72 25.24 18.52 -7.15
C THR A 72 25.20 17.04 -7.55
N GLU A 73 24.67 16.80 -8.75
CA GLU A 73 24.51 15.46 -9.31
C GLU A 73 25.81 14.66 -9.33
N GLY A 74 25.69 13.35 -9.15
CA GLY A 74 26.85 12.47 -9.12
C GLY A 74 26.53 11.09 -8.59
N ILE A 75 27.48 10.17 -8.77
CA ILE A 75 27.31 8.78 -8.32
C ILE A 75 28.32 8.43 -7.24
N GLY A 76 27.86 7.83 -6.16
CA GLY A 76 28.77 7.40 -5.10
C GLY A 76 29.01 8.28 -3.90
N TYR A 77 28.17 9.30 -3.72
CA TYR A 77 28.30 10.19 -2.56
C TYR A 77 28.14 9.42 -1.26
N TYR A 78 29.10 9.59 -0.34
CA TYR A 78 29.04 8.90 0.94
C TYR A 78 29.58 9.78 2.06
N PHE A 79 28.78 9.98 3.09
CA PHE A 79 29.18 10.80 4.21
C PHE A 79 30.26 10.13 5.03
N GLU A 80 30.82 10.87 5.98
CA GLU A 80 31.85 10.35 6.87
C GLU A 80 31.98 11.24 8.11
N LEU A 81 32.59 10.71 9.16
CA LEU A 81 32.79 11.44 10.41
C LEU A 81 34.23 11.21 10.92
N PRO A 82 35.20 12.01 10.41
CA PRO A 82 36.64 11.97 10.73
C PRO A 82 37.01 11.95 12.22
N THR A 83 36.21 12.62 13.03
CA THR A 83 36.49 12.67 14.46
C THR A 83 36.10 11.37 15.15
N VAL A 84 34.99 10.80 14.71
CA VAL A 84 34.47 9.59 15.30
C VAL A 84 35.32 8.32 15.13
N ASN A 85 35.55 7.68 16.27
CA ASN A 85 36.35 6.47 16.38
C ASN A 85 35.57 5.18 16.12
N SER A 86 34.53 5.25 15.29
CA SER A 86 33.73 4.07 14.98
C SER A 86 34.20 3.40 13.72
N PRO A 87 34.12 2.06 13.67
CA PRO A 87 34.55 1.33 12.48
C PRO A 87 33.48 1.49 11.38
N THR A 88 32.35 2.08 11.74
CA THR A 88 31.23 2.30 10.82
C THR A 88 30.85 3.77 10.76
N ASN A 89 31.84 4.66 10.86
CA ASN A 89 31.64 6.12 10.83
C ASN A 89 31.42 6.58 9.38
N TYR A 90 30.26 6.25 8.81
CA TYR A 90 29.97 6.62 7.44
C TYR A 90 28.53 6.27 7.02
N SER A 91 28.28 6.38 5.72
CA SER A 91 26.97 6.06 5.14
C SER A 91 27.23 5.24 3.89
N HIS A 92 26.23 4.48 3.48
CA HIS A 92 26.35 3.66 2.27
C HIS A 92 26.47 4.65 1.10
N PRO A 93 27.08 4.23 -0.02
CA PRO A 93 27.21 5.11 -1.20
C PRO A 93 25.80 5.45 -1.72
N PHE A 94 25.59 6.69 -2.15
CA PHE A 94 24.28 7.04 -2.67
C PHE A 94 24.37 8.06 -3.82
N ASP A 95 23.22 8.36 -4.42
CA ASP A 95 23.19 9.27 -5.54
C ASP A 95 22.29 10.47 -5.40
N ILE A 96 22.61 11.45 -6.22
CA ILE A 96 21.86 12.69 -6.29
C ILE A 96 21.66 12.93 -7.80
N ARG A 97 20.55 12.44 -8.33
CA ARG A 97 20.25 12.60 -9.75
C ARG A 97 18.75 12.74 -9.89
N LYS A 98 18.28 13.04 -11.09
CA LYS A 98 16.85 13.24 -11.33
C LYS A 98 16.03 11.96 -11.45
N ASP A 99 16.60 10.91 -12.02
CA ASP A 99 15.86 9.67 -12.21
C ASP A 99 15.99 8.63 -11.09
N ILE A 100 15.62 9.02 -9.86
CA ILE A 100 15.71 8.08 -8.74
C ILE A 100 14.52 7.13 -8.76
N TYR A 101 13.34 7.68 -9.00
CA TYR A 101 12.11 6.90 -9.02
C TYR A 101 11.53 6.67 -10.40
N THR A 102 12.32 6.93 -11.44
CA THR A 102 11.85 6.76 -12.79
C THR A 102 11.50 5.32 -13.10
N GLN A 103 12.43 4.39 -12.84
CA GLN A 103 12.17 2.97 -13.10
C GLN A 103 11.34 2.34 -11.98
N MET A 104 11.63 2.74 -10.75
CA MET A 104 10.96 2.24 -9.56
C MET A 104 9.44 2.41 -9.61
N LYS A 105 8.96 3.39 -10.36
CA LYS A 105 7.52 3.58 -10.43
C LYS A 105 6.92 2.47 -11.28
N TYR A 106 7.62 2.05 -12.32
CA TYR A 106 7.10 0.96 -13.15
C TYR A 106 7.17 -0.37 -12.39
N ASP A 107 8.32 -0.67 -11.76
CA ASP A 107 8.52 -1.91 -10.98
C ASP A 107 7.38 -2.13 -9.99
N ALA A 108 6.99 -1.05 -9.31
CA ALA A 108 5.93 -1.06 -8.31
C ALA A 108 4.58 -1.44 -8.89
N LEU A 109 4.25 -0.93 -10.08
CA LEU A 109 2.98 -1.26 -10.73
C LEU A 109 3.05 -2.67 -11.34
N ALA A 110 4.26 -3.14 -11.64
CA ALA A 110 4.43 -4.45 -12.24
C ALA A 110 4.01 -5.54 -11.24
N PHE A 111 4.10 -5.21 -9.97
CA PHE A 111 3.72 -6.12 -8.90
C PHE A 111 2.31 -6.65 -9.16
N PHE A 112 1.46 -5.79 -9.70
CA PHE A 112 0.08 -6.14 -9.97
C PHE A 112 -0.10 -7.10 -11.11
N TYR A 113 0.76 -7.02 -12.10
CA TYR A 113 0.65 -7.96 -13.20
C TYR A 113 1.09 -9.34 -12.66
N HIS A 114 2.15 -9.34 -11.84
CA HIS A 114 2.69 -10.55 -11.24
C HIS A 114 1.72 -11.32 -10.36
N LYS A 115 0.92 -10.59 -9.61
CA LYS A 115 -0.04 -11.19 -8.70
C LYS A 115 -1.39 -11.46 -9.35
N ARG A 116 -1.45 -11.31 -10.66
CA ARG A 116 -2.69 -11.59 -11.40
C ARG A 116 -3.03 -13.06 -11.36
N SER A 117 -4.31 -13.32 -11.11
CA SER A 117 -4.82 -14.68 -11.07
C SER A 117 -5.61 -14.92 -12.36
N GLY A 118 -5.66 -16.18 -12.79
CA GLY A 118 -6.44 -16.52 -13.97
C GLY A 118 -5.84 -16.20 -15.32
N ILE A 119 -4.53 -15.98 -15.36
CA ILE A 119 -3.84 -15.68 -16.60
C ILE A 119 -2.39 -16.14 -16.43
N PRO A 120 -1.78 -16.63 -17.50
CA PRO A 120 -0.39 -17.09 -17.42
C PRO A 120 0.55 -15.90 -17.26
N ILE A 121 1.64 -16.07 -16.54
CA ILE A 121 2.59 -14.99 -16.39
C ILE A 121 3.63 -15.34 -17.43
N GLU A 122 3.66 -14.60 -18.53
CA GLU A 122 4.59 -14.90 -19.62
C GLU A 122 5.68 -13.87 -19.83
N MET A 123 6.68 -14.24 -20.64
CA MET A 123 7.72 -13.31 -21.00
C MET A 123 7.06 -12.33 -21.97
N PRO A 124 7.56 -11.09 -21.96
CA PRO A 124 8.09 -9.74 -21.96
C PRO A 124 7.66 -9.16 -20.64
N TYR A 125 6.35 -9.21 -20.43
CA TYR A 125 5.71 -8.69 -19.24
C TYR A 125 6.34 -9.07 -17.89
N ALA A 126 6.79 -10.30 -17.74
CA ALA A 126 7.35 -10.74 -16.48
C ALA A 126 8.69 -10.08 -16.09
N GLY A 127 9.39 -9.53 -17.07
CA GLY A 127 10.67 -8.90 -16.78
C GLY A 127 11.79 -9.90 -16.52
N GLY A 128 11.49 -11.18 -16.68
CA GLY A 128 12.50 -12.17 -16.45
C GLY A 128 11.91 -13.54 -16.57
N GLU A 129 12.62 -14.44 -17.25
CA GLU A 129 12.14 -15.80 -17.44
C GLU A 129 11.79 -16.51 -16.13
N GLN A 130 12.56 -16.26 -15.08
CA GLN A 130 12.35 -16.91 -13.79
C GLN A 130 11.08 -16.52 -13.04
N TRP A 131 10.32 -15.55 -13.55
CA TRP A 131 9.09 -15.12 -12.87
C TRP A 131 7.87 -15.57 -13.65
N THR A 132 8.12 -16.25 -14.76
CA THR A 132 7.04 -16.78 -15.59
C THR A 132 6.41 -17.96 -14.85
N ARG A 133 5.11 -18.20 -15.10
CA ARG A 133 4.39 -19.30 -14.45
C ARG A 133 3.04 -19.55 -15.07
N PRO A 134 2.47 -20.72 -14.82
CA PRO A 134 1.15 -21.05 -15.38
C PRO A 134 0.04 -20.23 -14.74
N ALA A 135 -1.10 -20.13 -15.42
CA ALA A 135 -2.23 -19.38 -14.90
C ALA A 135 -2.59 -19.98 -13.56
N GLY A 136 -2.96 -19.12 -12.63
CA GLY A 136 -3.37 -19.60 -11.32
C GLY A 136 -4.88 -19.68 -11.21
N HIS A 137 -5.36 -20.81 -10.71
CA HIS A 137 -6.78 -21.07 -10.52
C HIS A 137 -7.73 -20.90 -11.70
N ILE A 138 -7.64 -21.82 -12.66
CA ILE A 138 -8.54 -21.79 -13.79
C ILE A 138 -9.21 -23.16 -13.92
N GLY A 139 -9.51 -23.73 -12.75
CA GLY A 139 -10.18 -25.01 -12.64
C GLY A 139 -9.42 -26.26 -13.03
N ILE A 140 -8.12 -26.13 -13.23
CA ILE A 140 -7.30 -27.27 -13.65
C ILE A 140 -6.50 -27.87 -12.52
N GLU A 141 -6.85 -29.10 -12.14
CA GLU A 141 -6.16 -29.79 -11.04
C GLU A 141 -4.64 -29.64 -11.09
N PRO A 142 -4.00 -29.54 -9.92
CA PRO A 142 -4.56 -29.61 -8.57
C PRO A 142 -5.45 -28.45 -8.08
N ASN A 143 -5.52 -27.34 -8.82
CA ASN A 143 -6.37 -26.24 -8.39
C ASN A 143 -7.79 -26.78 -8.41
N LYS A 144 -8.60 -26.31 -7.48
CA LYS A 144 -9.99 -26.71 -7.40
C LYS A 144 -10.74 -25.41 -7.29
N GLY A 145 -10.37 -24.43 -8.11
CA GLY A 145 -11.07 -23.19 -7.97
C GLY A 145 -11.14 -22.04 -8.94
N ASP A 146 -12.09 -21.20 -8.54
CA ASP A 146 -12.45 -19.95 -9.16
C ASP A 146 -13.34 -20.08 -10.40
N THR A 147 -13.35 -21.23 -11.07
CA THR A 147 -14.29 -21.35 -12.20
C THR A 147 -15.62 -21.84 -11.63
N ASN A 148 -15.52 -22.62 -10.56
CA ASN A 148 -16.69 -23.17 -9.87
C ASN A 148 -16.41 -23.24 -8.39
N VAL A 149 -16.44 -22.08 -7.75
CA VAL A 149 -16.20 -21.99 -6.33
C VAL A 149 -17.53 -22.01 -5.58
N PRO A 150 -17.73 -23.01 -4.69
CA PRO A 150 -18.99 -23.08 -3.95
C PRO A 150 -18.93 -22.18 -2.72
N THR A 151 -20.08 -21.88 -2.14
CA THR A 151 -20.11 -21.08 -0.93
C THR A 151 -19.51 -21.96 0.19
N TRP A 152 -18.91 -21.32 1.18
CA TRP A 152 -18.28 -21.99 2.32
C TRP A 152 -19.15 -23.08 2.98
N PRO A 153 -18.56 -24.24 3.29
CA PRO A 153 -19.27 -25.35 3.93
C PRO A 153 -19.85 -24.90 5.27
N GLN A 154 -21.14 -25.08 5.48
CA GLN A 154 -21.84 -24.64 6.71
C GLN A 154 -21.47 -25.35 8.03
N ASP A 155 -21.05 -26.59 7.93
CA ASP A 155 -20.70 -27.39 9.10
C ASP A 155 -19.35 -27.00 9.65
N ASP A 156 -18.65 -26.13 8.92
CA ASP A 156 -17.33 -25.69 9.32
C ASP A 156 -17.44 -24.84 10.58
N GLU A 157 -16.48 -25.00 11.48
CA GLU A 157 -16.45 -24.27 12.73
C GLU A 157 -16.35 -22.74 12.55
N TYR A 158 -15.77 -22.29 11.45
CA TYR A 158 -15.65 -20.85 11.19
C TYR A 158 -16.45 -20.44 9.94
N ALA A 159 -17.44 -21.24 9.59
CA ALA A 159 -18.29 -21.01 8.42
C ALA A 159 -18.89 -19.62 8.30
N GLY A 160 -18.92 -18.89 9.40
CA GLY A 160 -19.50 -17.56 9.39
C GLY A 160 -21.01 -17.70 9.26
N ILE A 161 -21.72 -16.61 8.96
CA ILE A 161 -23.17 -16.70 8.85
C ILE A 161 -23.58 -17.65 7.77
N PRO A 162 -24.75 -18.27 7.93
CA PRO A 162 -25.31 -19.23 6.97
C PRO A 162 -25.43 -18.67 5.56
N GLN A 163 -25.16 -19.52 4.57
CA GLN A 163 -25.29 -19.14 3.17
C GLN A 163 -26.04 -20.25 2.43
N LYS A 164 -26.53 -19.94 1.23
CA LYS A 164 -27.22 -20.96 0.44
C LYS A 164 -26.09 -21.68 -0.28
N ASN A 165 -26.37 -22.88 -0.79
CA ASN A 165 -25.36 -23.68 -1.49
C ASN A 165 -25.42 -23.42 -2.97
N TYR A 166 -24.42 -22.72 -3.47
CA TYR A 166 -24.32 -22.42 -4.88
C TYR A 166 -22.88 -22.15 -5.28
N THR A 167 -22.64 -22.12 -6.59
CA THR A 167 -21.30 -21.88 -7.10
C THR A 167 -21.21 -20.68 -8.03
N LYS A 168 -20.05 -20.04 -8.04
CA LYS A 168 -19.80 -18.89 -8.89
C LYS A 168 -18.47 -19.11 -9.59
N ASP A 169 -18.26 -18.33 -10.64
CA ASP A 169 -17.00 -18.36 -11.36
C ASP A 169 -16.42 -17.03 -10.91
N VAL A 170 -15.30 -17.06 -10.20
CA VAL A 170 -14.65 -15.85 -9.70
C VAL A 170 -13.20 -15.83 -10.10
N THR A 171 -12.94 -16.17 -11.36
CA THR A 171 -11.59 -16.19 -11.89
C THR A 171 -11.11 -14.76 -12.14
N GLY A 172 -9.79 -14.58 -12.25
CA GLY A 172 -9.25 -13.26 -12.47
C GLY A 172 -8.98 -12.57 -11.16
N GLY A 173 -8.77 -11.26 -11.19
CA GLY A 173 -8.50 -10.56 -9.96
C GLY A 173 -7.04 -10.72 -9.58
N TRP A 174 -6.66 -10.09 -8.48
CA TRP A 174 -5.28 -10.15 -8.00
C TRP A 174 -5.14 -11.00 -6.72
N TYR A 175 -3.98 -11.60 -6.51
CA TYR A 175 -3.72 -12.33 -5.27
C TYR A 175 -3.37 -11.20 -4.27
N ASP A 176 -3.87 -11.31 -3.05
CA ASP A 176 -3.67 -10.28 -2.05
C ASP A 176 -2.26 -10.00 -1.57
N ALA A 177 -1.56 -11.07 -1.23
CA ALA A 177 -0.21 -10.96 -0.73
C ALA A 177 0.52 -12.27 -1.01
N GLY A 178 1.25 -12.76 -0.01
CA GLY A 178 1.99 -14.00 -0.17
C GLY A 178 1.07 -15.20 -0.32
N ASP A 179 -0.23 -15.00 -0.11
CA ASP A 179 -1.18 -16.08 -0.24
C ASP A 179 -1.91 -16.04 -1.59
N HIS A 180 -2.85 -16.97 -1.76
CA HIS A 180 -3.63 -17.08 -2.99
C HIS A 180 -5.07 -16.64 -2.81
N GLY A 181 -5.31 -15.81 -1.79
CA GLY A 181 -6.65 -15.30 -1.56
C GLY A 181 -6.97 -14.08 -2.43
N LYS A 182 -8.25 -13.82 -2.56
CA LYS A 182 -8.74 -12.71 -3.35
C LYS A 182 -9.82 -12.03 -2.50
N TYR A 183 -9.48 -10.88 -1.94
CA TYR A 183 -10.38 -10.18 -1.05
C TYR A 183 -10.94 -8.89 -1.63
N VAL A 184 -12.26 -8.69 -1.59
CA VAL A 184 -12.84 -7.44 -2.10
C VAL A 184 -12.42 -6.32 -1.14
N VAL A 185 -12.51 -6.61 0.16
CA VAL A 185 -12.04 -5.65 1.16
C VAL A 185 -10.50 -5.78 1.05
N ASN A 186 -9.80 -4.67 1.10
CA ASN A 186 -8.34 -4.60 0.97
C ASN A 186 -8.04 -4.50 -0.52
N GLY A 187 -8.85 -5.20 -1.32
CA GLY A 187 -8.68 -5.11 -2.76
C GLY A 187 -9.26 -3.77 -3.15
N GLY A 188 -10.30 -3.38 -2.42
CA GLY A 188 -10.97 -2.12 -2.65
C GLY A 188 -10.04 -0.92 -2.58
N ILE A 189 -9.29 -0.78 -1.49
CA ILE A 189 -8.39 0.37 -1.38
C ILE A 189 -7.26 0.25 -2.40
N ALA A 190 -6.70 -0.94 -2.55
CA ALA A 190 -5.62 -1.13 -3.51
C ALA A 190 -6.02 -0.63 -4.91
N VAL A 191 -7.17 -1.09 -5.40
CA VAL A 191 -7.62 -0.70 -6.73
C VAL A 191 -8.05 0.77 -6.79
N TRP A 192 -8.50 1.31 -5.66
CA TRP A 192 -8.91 2.70 -5.64
C TRP A 192 -7.65 3.56 -5.72
N THR A 193 -6.56 3.03 -5.20
CA THR A 193 -5.31 3.78 -5.18
C THR A 193 -4.68 3.94 -6.56
N LEU A 194 -4.86 2.94 -7.42
CA LEU A 194 -4.30 2.99 -8.78
C LEU A 194 -5.20 3.84 -9.65
N MET A 195 -6.51 3.67 -9.54
CA MET A 195 -7.40 4.50 -10.35
C MET A 195 -7.34 5.97 -9.91
N ASN A 196 -7.03 6.19 -8.64
CA ASN A 196 -6.96 7.55 -8.13
C ASN A 196 -5.72 8.30 -8.59
N MET A 197 -4.59 7.61 -8.64
CA MET A 197 -3.37 8.26 -9.08
C MET A 197 -3.54 8.61 -10.55
N TYR A 198 -4.34 7.81 -11.26
CA TYR A 198 -4.62 8.05 -12.66
C TYR A 198 -5.49 9.30 -12.79
N GLU A 199 -6.65 9.27 -12.14
CA GLU A 199 -7.57 10.40 -12.18
C GLU A 199 -6.86 11.70 -11.84
N ARG A 200 -5.89 11.63 -10.93
CA ARG A 200 -5.12 12.82 -10.57
C ARG A 200 -4.28 13.27 -11.75
N ALA A 201 -3.68 12.33 -12.46
CA ALA A 201 -2.87 12.69 -13.63
C ALA A 201 -3.75 13.32 -14.71
N LYS A 202 -4.93 12.75 -14.89
CA LYS A 202 -5.86 13.23 -15.90
C LYS A 202 -6.26 14.69 -15.64
N ILE A 203 -6.89 14.94 -14.49
CA ILE A 203 -7.34 16.28 -14.13
C ILE A 203 -6.18 17.29 -14.16
N ARG A 204 -4.99 16.88 -13.74
CA ARG A 204 -3.85 17.80 -13.76
C ARG A 204 -3.40 18.01 -15.20
N GLY A 205 -3.40 16.93 -15.98
CA GLY A 205 -3.01 17.02 -17.37
C GLY A 205 -1.80 16.21 -17.78
N LEU A 206 -1.35 15.25 -16.97
CA LEU A 206 -0.20 14.43 -17.36
C LEU A 206 -0.51 12.97 -17.57
N ASP A 207 -1.78 12.70 -17.87
CA ASP A 207 -2.29 11.36 -18.13
C ASP A 207 -1.71 10.80 -19.41
N ASN A 208 -0.91 11.60 -20.07
CA ASN A 208 -0.30 11.17 -21.32
C ASN A 208 1.16 10.94 -21.02
N TRP A 209 1.44 10.68 -19.75
CA TRP A 209 2.79 10.45 -19.27
C TRP A 209 2.93 9.08 -18.62
N GLY A 210 4.18 8.59 -18.57
CA GLY A 210 4.50 7.32 -17.95
C GLY A 210 3.54 6.17 -18.13
N PRO A 211 3.01 5.61 -17.03
CA PRO A 211 2.08 4.48 -17.01
C PRO A 211 0.60 4.83 -17.22
N TYR A 212 0.29 6.11 -17.27
CA TYR A 212 -1.09 6.52 -17.46
C TYR A 212 -1.58 6.39 -18.90
N ARG A 213 -0.67 6.10 -19.83
CA ARG A 213 -1.06 5.99 -21.23
C ARG A 213 -1.04 4.56 -21.74
N ASP A 214 -1.74 4.34 -22.85
CA ASP A 214 -1.81 3.04 -23.52
C ASP A 214 -0.35 2.79 -23.93
N GLY A 215 0.19 1.63 -23.57
CA GLY A 215 1.57 1.35 -23.91
C GLY A 215 2.56 1.88 -22.89
N GLY A 216 2.05 2.32 -21.74
CA GLY A 216 2.92 2.85 -20.71
C GLY A 216 3.47 1.80 -19.74
N MET A 217 2.85 0.63 -19.73
CA MET A 217 3.27 -0.46 -18.85
C MET A 217 3.53 -1.74 -19.63
N ASN A 218 4.52 -2.50 -19.17
CA ASN A 218 4.89 -3.74 -19.82
C ASN A 218 3.89 -4.86 -19.53
N ILE A 219 2.62 -4.61 -19.81
CA ILE A 219 1.57 -5.57 -19.57
C ILE A 219 1.00 -5.99 -20.93
N PRO A 220 0.30 -7.13 -20.97
CA PRO A 220 -0.30 -7.62 -22.22
C PRO A 220 -1.31 -6.68 -22.86
N GLU A 221 -1.89 -5.75 -22.08
CA GLU A 221 -2.85 -4.79 -22.64
C GLU A 221 -2.12 -3.56 -23.17
N GLN A 222 -0.83 -3.68 -23.45
CA GLN A 222 -0.02 -2.58 -23.97
C GLN A 222 -0.62 -1.68 -25.05
N ASN A 223 -1.21 -2.22 -26.10
CA ASN A 223 -1.78 -1.33 -27.11
C ASN A 223 -3.16 -1.78 -27.55
N ASN A 224 -4.10 -1.70 -26.62
CA ASN A 224 -5.48 -2.10 -26.87
C ASN A 224 -6.39 -0.88 -26.84
N GLY A 225 -5.79 0.29 -26.98
CA GLY A 225 -6.55 1.54 -26.99
C GLY A 225 -6.88 2.18 -25.65
N TYR A 226 -6.70 1.46 -24.55
CA TYR A 226 -7.03 1.98 -23.23
C TYR A 226 -5.82 2.40 -22.41
N PRO A 227 -6.02 3.23 -21.39
CA PRO A 227 -4.85 3.62 -20.60
C PRO A 227 -4.34 2.40 -19.81
N ASP A 228 -3.04 2.11 -19.89
CA ASP A 228 -2.49 0.93 -19.22
C ASP A 228 -2.78 0.80 -17.73
N ILE A 229 -2.58 1.85 -16.95
CA ILE A 229 -2.88 1.74 -15.53
C ILE A 229 -4.36 1.32 -15.31
N LEU A 230 -5.28 1.75 -16.17
CA LEU A 230 -6.67 1.33 -15.97
C LEU A 230 -6.90 -0.13 -16.40
N ASP A 231 -6.08 -0.64 -17.32
CA ASP A 231 -6.24 -2.02 -17.74
C ASP A 231 -5.99 -2.93 -16.53
N GLU A 232 -4.99 -2.56 -15.73
CA GLU A 232 -4.63 -3.30 -14.54
C GLU A 232 -5.77 -3.22 -13.55
N ALA A 233 -6.21 -2.00 -13.27
CA ALA A 233 -7.31 -1.74 -12.36
C ALA A 233 -8.56 -2.54 -12.73
N ARG A 234 -8.92 -2.52 -14.02
CA ARG A 234 -10.08 -3.26 -14.53
C ARG A 234 -9.95 -4.77 -14.29
N TRP A 235 -8.71 -5.27 -14.26
CA TRP A 235 -8.47 -6.69 -14.01
C TRP A 235 -9.07 -7.02 -12.64
N GLU A 236 -8.93 -6.11 -11.69
CA GLU A 236 -9.44 -6.33 -10.37
C GLU A 236 -10.92 -6.04 -10.31
N ILE A 237 -11.38 -5.09 -11.11
CA ILE A 237 -12.79 -4.73 -11.14
C ILE A 237 -13.62 -5.84 -11.77
N GLU A 238 -13.05 -6.51 -12.77
CA GLU A 238 -13.73 -7.61 -13.43
C GLU A 238 -13.95 -8.71 -12.42
N PHE A 239 -13.04 -8.83 -11.47
CA PHE A 239 -13.16 -9.85 -10.45
C PHE A 239 -14.25 -9.42 -9.45
N PHE A 240 -14.31 -8.14 -9.12
CA PHE A 240 -15.34 -7.69 -8.21
C PHE A 240 -16.73 -8.00 -8.76
N LYS A 241 -16.94 -7.74 -10.04
CA LYS A 241 -18.24 -7.98 -10.66
C LYS A 241 -18.76 -9.39 -10.42
N LYS A 242 -17.86 -10.36 -10.56
CA LYS A 242 -18.19 -11.76 -10.37
C LYS A 242 -18.53 -12.12 -8.90
N MET A 243 -18.07 -11.31 -7.96
CA MET A 243 -18.31 -11.56 -6.54
C MET A 243 -19.69 -11.08 -6.04
N GLN A 244 -20.37 -10.29 -6.87
CA GLN A 244 -21.68 -9.75 -6.51
C GLN A 244 -22.72 -10.84 -6.66
N VAL A 245 -23.59 -10.98 -5.67
CA VAL A 245 -24.63 -12.02 -5.69
C VAL A 245 -25.83 -11.66 -6.55
N THR A 246 -26.33 -12.65 -7.28
CA THR A 246 -27.45 -12.45 -8.18
C THR A 246 -28.74 -12.95 -7.58
N GLU A 247 -29.86 -12.61 -8.23
CA GLU A 247 -31.20 -13.02 -7.80
C GLU A 247 -31.36 -14.53 -7.74
N LYS A 248 -30.86 -15.21 -8.77
CA LYS A 248 -30.96 -16.65 -8.83
C LYS A 248 -30.11 -17.31 -7.73
N GLU A 249 -29.08 -16.61 -7.26
CA GLU A 249 -28.22 -17.18 -6.23
C GLU A 249 -28.83 -17.10 -4.85
N ASP A 250 -29.28 -15.91 -4.44
CA ASP A 250 -29.90 -15.73 -3.13
C ASP A 250 -30.63 -14.38 -3.04
N PRO A 251 -31.98 -14.40 -3.15
CA PRO A 251 -32.84 -13.21 -3.10
C PRO A 251 -32.70 -12.33 -1.85
N SER A 252 -32.52 -12.98 -0.71
CA SER A 252 -32.37 -12.27 0.56
C SER A 252 -31.24 -11.25 0.59
N ILE A 253 -30.19 -11.52 -0.18
CA ILE A 253 -29.04 -10.65 -0.18
C ILE A 253 -28.52 -10.28 -1.56
N ALA A 254 -29.40 -10.28 -2.55
CA ALA A 254 -28.98 -9.97 -3.92
C ALA A 254 -28.37 -8.56 -4.01
N GLY A 255 -27.32 -8.43 -4.81
CA GLY A 255 -26.70 -7.13 -4.97
C GLY A 255 -25.56 -6.93 -4.01
N MET A 256 -25.48 -7.80 -3.00
CA MET A 256 -24.41 -7.76 -2.00
C MET A 256 -23.20 -8.47 -2.58
N VAL A 257 -22.03 -8.21 -2.01
CA VAL A 257 -20.78 -8.74 -2.50
C VAL A 257 -20.00 -9.62 -1.52
N HIS A 258 -19.78 -10.87 -1.92
CA HIS A 258 -19.02 -11.82 -1.13
C HIS A 258 -17.77 -11.15 -0.62
N HIS A 259 -17.48 -11.38 0.66
CA HIS A 259 -16.32 -10.78 1.31
C HIS A 259 -14.97 -11.14 0.69
N LYS A 260 -14.80 -12.42 0.38
CA LYS A 260 -13.56 -12.91 -0.19
C LYS A 260 -13.70 -14.37 -0.57
N ILE A 261 -12.70 -14.87 -1.28
CA ILE A 261 -12.68 -16.26 -1.72
C ILE A 261 -11.24 -16.74 -1.64
N HIS A 262 -11.01 -17.85 -0.94
CA HIS A 262 -9.66 -18.40 -0.79
C HIS A 262 -9.67 -19.87 -0.36
N ASP A 263 -8.49 -20.41 -0.09
CA ASP A 263 -8.33 -21.83 0.32
C ASP A 263 -9.13 -22.16 1.55
N PHE A 264 -9.56 -23.40 1.68
CA PHE A 264 -10.32 -23.82 2.87
C PHE A 264 -9.43 -23.74 4.12
N ARG A 265 -8.15 -24.06 3.94
CA ARG A 265 -7.16 -24.03 5.03
C ARG A 265 -5.84 -23.54 4.45
N TRP A 266 -4.92 -23.13 5.32
CA TRP A 266 -3.62 -22.60 4.88
C TRP A 266 -2.67 -23.61 4.28
N THR A 267 -2.04 -23.21 3.18
CA THR A 267 -1.04 -24.05 2.54
C THR A 267 0.30 -23.48 3.01
N ALA A 268 1.39 -24.18 2.76
CA ALA A 268 2.69 -23.70 3.21
C ALA A 268 3.42 -22.93 2.12
N LEU A 269 4.49 -22.27 2.53
CA LEU A 269 5.32 -21.53 1.61
C LEU A 269 6.03 -22.48 0.64
N GLY A 270 6.33 -21.98 -0.56
CA GLY A 270 7.02 -22.79 -1.55
C GLY A 270 6.08 -23.42 -2.56
N MET A 271 5.12 -22.63 -3.06
CA MET A 271 4.14 -23.15 -4.01
C MET A 271 3.66 -22.13 -5.04
N LEU A 272 3.36 -22.60 -6.25
CA LEU A 272 2.86 -21.70 -7.28
C LEU A 272 1.33 -21.78 -7.33
N PRO A 273 0.67 -20.69 -7.72
CA PRO A 273 -0.80 -20.69 -7.79
C PRO A 273 -1.44 -21.99 -8.33
N HIS A 274 -1.05 -22.39 -9.53
CA HIS A 274 -1.64 -23.59 -10.14
C HIS A 274 -1.40 -24.89 -9.35
N GLU A 275 -0.53 -24.84 -8.36
CA GLU A 275 -0.25 -26.05 -7.58
C GLU A 275 -1.10 -26.13 -6.32
N ASP A 276 -1.70 -25.01 -5.93
CA ASP A 276 -2.53 -24.99 -4.75
C ASP A 276 -3.61 -26.08 -4.87
N PRO A 277 -3.56 -27.09 -3.97
CA PRO A 277 -4.50 -28.22 -3.95
C PRO A 277 -5.71 -28.03 -3.05
N GLN A 278 -5.69 -26.95 -2.29
CA GLN A 278 -6.75 -26.66 -1.33
C GLN A 278 -8.14 -26.41 -1.91
N PRO A 279 -9.18 -26.92 -1.25
CA PRO A 279 -10.56 -26.71 -1.71
C PRO A 279 -10.77 -25.19 -1.70
N ARG A 280 -11.53 -24.64 -2.62
CA ARG A 280 -11.72 -23.19 -2.67
C ARG A 280 -13.16 -22.80 -2.39
N TYR A 281 -13.36 -21.81 -1.53
CA TYR A 281 -14.72 -21.43 -1.19
C TYR A 281 -14.99 -19.94 -1.07
N LEU A 282 -16.26 -19.58 -1.07
CA LEU A 282 -16.69 -18.19 -0.95
C LEU A 282 -17.07 -17.80 0.47
N ARG A 283 -16.43 -16.77 0.99
CA ARG A 283 -16.77 -16.26 2.32
C ARG A 283 -18.13 -15.54 2.20
N PRO A 284 -18.94 -15.57 3.28
CA PRO A 284 -20.28 -15.01 3.48
C PRO A 284 -20.87 -13.81 2.72
N VAL A 285 -20.19 -12.68 2.71
CA VAL A 285 -20.73 -11.45 2.11
C VAL A 285 -20.69 -10.41 3.24
N SER A 286 -20.32 -9.17 2.94
CA SER A 286 -20.24 -8.17 3.98
C SER A 286 -20.55 -6.77 3.47
N THR A 287 -21.26 -5.99 4.27
CA THR A 287 -21.61 -4.64 3.90
C THR A 287 -20.40 -3.93 3.32
N ALA A 288 -19.30 -3.99 4.06
CA ALA A 288 -18.03 -3.37 3.66
C ALA A 288 -17.53 -3.79 2.26
N ALA A 289 -17.64 -5.09 1.97
CA ALA A 289 -17.19 -5.57 0.68
C ALA A 289 -18.16 -5.05 -0.34
N THR A 290 -19.44 -5.03 0.00
CA THR A 290 -20.45 -4.54 -0.93
C THR A 290 -20.19 -3.05 -1.22
N LEU A 291 -19.80 -2.31 -0.19
CA LEU A 291 -19.50 -0.90 -0.35
C LEU A 291 -18.17 -0.60 -1.03
N ASN A 292 -17.14 -1.41 -0.79
CA ASN A 292 -15.85 -1.20 -1.48
C ASN A 292 -16.21 -1.36 -2.94
N PHE A 293 -17.04 -2.35 -3.21
CA PHE A 293 -17.52 -2.64 -4.54
C PHE A 293 -18.22 -1.39 -5.10
N ALA A 294 -19.29 -0.94 -4.46
CA ALA A 294 -20.02 0.23 -4.95
C ALA A 294 -19.10 1.41 -5.22
N ALA A 295 -18.14 1.62 -4.32
CA ALA A 295 -17.20 2.74 -4.44
C ALA A 295 -16.20 2.65 -5.60
N THR A 296 -15.46 1.55 -5.66
CA THR A 296 -14.49 1.43 -6.74
C THR A 296 -15.17 1.28 -8.10
N LEU A 297 -16.37 0.70 -8.14
CA LEU A 297 -17.04 0.55 -9.42
C LEU A 297 -17.61 1.88 -9.93
N ALA A 298 -17.91 2.79 -9.01
CA ALA A 298 -18.44 4.09 -9.40
C ALA A 298 -17.25 4.84 -9.95
N GLN A 299 -16.15 4.75 -9.22
CA GLN A 299 -14.92 5.42 -9.62
C GLN A 299 -14.49 4.88 -10.98
N SER A 300 -14.70 3.59 -11.18
CA SER A 300 -14.32 2.99 -12.45
C SER A 300 -15.24 3.52 -13.55
N ALA A 301 -16.52 3.67 -13.20
CA ALA A 301 -17.51 4.15 -14.16
C ALA A 301 -17.14 5.51 -14.79
N ARG A 302 -16.69 6.46 -14.00
CA ARG A 302 -16.35 7.76 -14.56
C ARG A 302 -15.00 7.83 -15.27
N LEU A 303 -14.09 6.89 -14.98
CA LEU A 303 -12.77 6.90 -15.63
C LEU A 303 -12.72 6.15 -16.97
N TRP A 304 -13.58 5.15 -17.13
CA TRP A 304 -13.62 4.37 -18.36
C TRP A 304 -14.66 4.82 -19.37
N LYS A 305 -15.48 5.80 -18.99
CA LYS A 305 -16.55 6.28 -19.87
C LYS A 305 -16.07 6.73 -21.25
N ASP A 306 -14.88 7.32 -21.32
CA ASP A 306 -14.31 7.79 -22.56
C ASP A 306 -13.71 6.68 -23.39
N TYR A 307 -13.30 5.59 -22.76
CA TYR A 307 -12.66 4.52 -23.50
C TYR A 307 -13.49 3.31 -23.85
N ASP A 308 -14.38 2.93 -22.95
CA ASP A 308 -15.20 1.74 -23.17
C ASP A 308 -16.56 1.95 -22.51
N PRO A 309 -17.42 2.75 -23.16
CA PRO A 309 -18.77 3.09 -22.72
C PRO A 309 -19.60 1.95 -22.15
N THR A 310 -19.53 0.79 -22.78
CA THR A 310 -20.29 -0.35 -22.31
C THR A 310 -19.84 -0.86 -20.95
N PHE A 311 -18.53 -0.90 -20.76
CA PHE A 311 -17.94 -1.36 -19.52
C PHE A 311 -18.18 -0.35 -18.41
N ALA A 312 -17.93 0.92 -18.74
CA ALA A 312 -18.10 2.00 -17.76
C ALA A 312 -19.55 2.09 -17.26
N ALA A 313 -20.51 1.90 -18.15
CA ALA A 313 -21.92 1.97 -17.79
C ALA A 313 -22.35 0.81 -16.89
N ASP A 314 -21.93 -0.41 -17.23
CA ASP A 314 -22.30 -1.56 -16.42
C ASP A 314 -21.69 -1.45 -15.03
N CYS A 315 -20.55 -0.78 -14.93
CA CYS A 315 -19.91 -0.59 -13.63
C CYS A 315 -20.85 0.22 -12.75
N LEU A 316 -21.28 1.36 -13.27
CA LEU A 316 -22.18 2.25 -12.55
C LEU A 316 -23.50 1.56 -12.17
N GLU A 317 -24.10 0.86 -13.13
CA GLU A 317 -25.34 0.18 -12.82
C GLU A 317 -25.19 -0.87 -11.72
N LYS A 318 -23.99 -1.46 -11.60
CA LYS A 318 -23.76 -2.48 -10.57
C LYS A 318 -23.46 -1.77 -9.26
N ALA A 319 -22.73 -0.67 -9.34
CA ALA A 319 -22.38 0.10 -8.16
C ALA A 319 -23.63 0.53 -7.40
N GLU A 320 -24.63 0.96 -8.14
CA GLU A 320 -25.87 1.40 -7.53
C GLU A 320 -26.65 0.23 -6.98
N ILE A 321 -26.64 -0.90 -7.68
CA ILE A 321 -27.34 -2.07 -7.18
C ILE A 321 -26.71 -2.54 -5.88
N ALA A 322 -25.41 -2.26 -5.72
CA ALA A 322 -24.72 -2.66 -4.50
C ALA A 322 -24.98 -1.66 -3.37
N TRP A 323 -25.03 -0.38 -3.72
CA TRP A 323 -25.27 0.66 -2.74
C TRP A 323 -26.64 0.50 -2.13
N GLN A 324 -27.57 0.08 -2.97
CA GLN A 324 -28.94 -0.13 -2.55
C GLN A 324 -29.05 -1.30 -1.63
N ALA A 325 -28.37 -2.39 -1.98
CA ALA A 325 -28.41 -3.59 -1.16
C ALA A 325 -27.68 -3.35 0.17
N ALA A 326 -26.69 -2.47 0.18
CA ALA A 326 -25.95 -2.20 1.41
C ALA A 326 -26.83 -1.45 2.40
N LEU A 327 -27.78 -0.68 1.89
CA LEU A 327 -28.70 0.05 2.77
C LEU A 327 -29.68 -0.93 3.43
N LYS A 328 -30.08 -1.98 2.70
CA LYS A 328 -30.99 -2.95 3.27
C LYS A 328 -30.29 -3.92 4.23
N HIS A 329 -28.97 -4.07 4.09
CA HIS A 329 -28.21 -4.96 4.97
C HIS A 329 -26.94 -4.21 5.29
N PRO A 330 -27.09 -3.07 5.96
CA PRO A 330 -26.00 -2.19 6.36
C PRO A 330 -25.16 -2.66 7.52
N ASP A 331 -25.46 -3.84 8.06
CA ASP A 331 -24.68 -4.25 9.21
C ASP A 331 -24.22 -5.70 9.25
N ILE A 332 -23.83 -6.23 8.10
CA ILE A 332 -23.31 -7.59 8.06
C ILE A 332 -21.80 -7.42 8.08
N TYR A 333 -21.18 -7.76 9.21
CA TYR A 333 -19.73 -7.61 9.36
C TYR A 333 -18.92 -8.90 9.30
N ALA A 334 -17.83 -8.87 8.56
CA ALA A 334 -16.98 -10.05 8.47
C ALA A 334 -16.41 -10.19 9.87
N GLU A 335 -16.54 -11.37 10.46
CA GLU A 335 -16.05 -11.60 11.81
C GLU A 335 -14.59 -12.05 11.84
N TYR A 336 -14.00 -12.00 13.02
CA TYR A 336 -12.62 -12.41 13.20
C TYR A 336 -12.45 -13.94 13.13
N THR A 337 -11.29 -14.38 12.69
CA THR A 337 -10.97 -15.81 12.62
C THR A 337 -9.47 -15.89 12.86
N PRO A 338 -8.98 -16.99 13.45
CA PRO A 338 -7.56 -17.15 13.73
C PRO A 338 -6.71 -16.90 12.51
N GLY A 339 -5.45 -16.53 12.73
CA GLY A 339 -4.53 -16.30 11.64
C GLY A 339 -3.86 -17.58 11.18
N SER A 340 -3.92 -18.61 12.03
CA SER A 340 -3.32 -19.90 11.75
C SER A 340 -4.26 -20.99 12.30
N GLY A 341 -4.43 -22.07 11.55
CA GLY A 341 -5.30 -23.14 12.00
C GLY A 341 -6.78 -23.01 11.61
N GLY A 342 -7.19 -21.85 11.12
CA GLY A 342 -8.58 -21.65 10.74
C GLY A 342 -8.76 -21.49 9.24
N PRO A 343 -9.63 -20.59 8.78
CA PRO A 343 -9.79 -20.44 7.33
C PRO A 343 -8.46 -20.13 6.65
N GLY A 344 -8.29 -20.63 5.43
CA GLY A 344 -7.06 -20.43 4.68
C GLY A 344 -6.77 -19.03 4.18
N GLY A 345 -7.47 -18.03 4.72
CA GLY A 345 -7.20 -16.67 4.29
C GLY A 345 -7.41 -15.73 5.45
N GLY A 346 -6.81 -14.55 5.39
CA GLY A 346 -6.99 -13.56 6.44
C GLY A 346 -8.46 -13.19 6.58
N PRO A 347 -8.87 -12.67 7.75
CA PRO A 347 -10.26 -12.29 8.00
C PRO A 347 -10.71 -10.88 7.55
N TYR A 348 -9.80 -9.90 7.61
CA TYR A 348 -10.16 -8.51 7.26
C TYR A 348 -11.54 -8.22 7.86
N ASN A 349 -11.59 -8.22 9.19
CA ASN A 349 -12.84 -8.01 9.93
C ASN A 349 -12.98 -6.55 10.31
N ASP A 350 -14.21 -6.08 10.37
CA ASP A 350 -14.50 -4.69 10.68
C ASP A 350 -15.95 -4.64 11.15
N ASP A 351 -16.20 -4.00 12.28
CA ASP A 351 -17.56 -3.93 12.78
C ASP A 351 -18.19 -2.55 12.56
N TYR A 352 -17.45 -1.64 11.90
CA TYR A 352 -17.94 -0.30 11.63
C TYR A 352 -17.87 0.07 10.15
N VAL A 353 -19.02 0.36 9.54
CA VAL A 353 -19.04 0.68 8.10
C VAL A 353 -19.63 2.05 7.73
N GLY A 354 -19.64 2.97 8.70
CA GLY A 354 -20.18 4.29 8.43
C GLY A 354 -19.30 4.94 7.40
N ASP A 355 -17.99 4.85 7.63
CA ASP A 355 -17.01 5.42 6.72
C ASP A 355 -17.17 4.84 5.30
N GLU A 356 -17.28 3.51 5.19
CA GLU A 356 -17.46 2.89 3.88
C GLU A 356 -18.62 3.52 3.16
N PHE A 357 -19.75 3.67 3.87
CA PHE A 357 -20.95 4.28 3.30
C PHE A 357 -20.61 5.67 2.82
N TYR A 358 -19.91 6.42 3.66
CA TYR A 358 -19.50 7.76 3.29
C TYR A 358 -18.64 7.68 2.03
N TRP A 359 -17.73 6.73 1.99
CA TRP A 359 -16.85 6.58 0.83
C TRP A 359 -17.65 6.29 -0.44
N ALA A 360 -18.46 5.25 -0.43
CA ALA A 360 -19.24 4.92 -1.60
C ALA A 360 -20.05 6.13 -2.06
N ALA A 361 -20.57 6.91 -1.10
CA ALA A 361 -21.37 8.08 -1.44
C ALA A 361 -20.57 9.15 -2.17
N CYS A 362 -19.37 9.42 -1.68
CA CYS A 362 -18.51 10.41 -2.30
C CYS A 362 -18.23 10.05 -3.76
N GLU A 363 -17.95 8.77 -4.02
CA GLU A 363 -17.64 8.29 -5.35
C GLU A 363 -18.88 8.30 -6.25
N LEU A 364 -20.02 7.90 -5.70
CA LEU A 364 -21.25 7.87 -6.48
C LEU A 364 -21.76 9.28 -6.78
N TYR A 365 -21.49 10.22 -5.89
CA TYR A 365 -21.93 11.61 -6.06
C TYR A 365 -21.23 12.27 -7.20
N VAL A 366 -19.90 12.17 -7.18
CA VAL A 366 -19.05 12.76 -8.21
C VAL A 366 -19.29 12.10 -9.55
N THR A 367 -19.78 10.87 -9.54
CA THR A 367 -20.02 10.20 -10.81
C THR A 367 -21.42 10.46 -11.36
N THR A 368 -22.44 10.34 -10.51
CA THR A 368 -23.81 10.54 -10.96
C THR A 368 -24.35 11.94 -10.71
N GLY A 369 -23.87 12.58 -9.65
CA GLY A 369 -24.35 13.90 -9.29
C GLY A 369 -25.76 13.83 -8.72
N LYS A 370 -26.18 12.62 -8.34
CA LYS A 370 -27.51 12.43 -7.79
C LYS A 370 -27.71 13.06 -6.40
N ASP A 371 -28.95 13.43 -6.09
CA ASP A 371 -29.26 14.05 -4.81
C ASP A 371 -29.09 13.09 -3.65
N GLU A 372 -29.61 11.88 -3.80
CA GLU A 372 -29.52 10.88 -2.74
C GLU A 372 -28.11 10.63 -2.19
N TYR A 373 -27.10 10.65 -3.07
CA TYR A 373 -25.72 10.42 -2.63
C TYR A 373 -25.18 11.68 -1.98
N LYS A 374 -25.73 12.83 -2.37
CA LYS A 374 -25.30 14.12 -1.82
C LYS A 374 -25.83 14.30 -0.41
N ASN A 375 -27.09 13.94 -0.19
CA ASN A 375 -27.69 14.10 1.12
C ASN A 375 -27.00 13.20 2.16
N TYR A 376 -26.52 12.03 1.74
CA TYR A 376 -25.83 11.11 2.66
C TYR A 376 -24.44 11.69 2.89
N LEU A 377 -23.75 11.89 1.79
CA LEU A 377 -22.42 12.46 1.79
C LEU A 377 -22.27 13.60 2.81
N MET A 378 -23.18 14.57 2.75
CA MET A 378 -23.16 15.74 3.64
C MET A 378 -23.62 15.49 5.08
N ASN A 379 -24.74 14.82 5.27
CA ASN A 379 -25.23 14.57 6.62
C ASN A 379 -24.47 13.49 7.36
N SER A 380 -23.23 13.26 6.95
CA SER A 380 -22.42 12.20 7.54
C SER A 380 -21.44 12.70 8.54
N PRO A 381 -21.18 11.90 9.59
CA PRO A 381 -20.22 12.27 10.64
C PRO A 381 -18.85 12.50 10.04
N HIS A 382 -18.62 11.87 8.89
CA HIS A 382 -17.33 11.98 8.20
C HIS A 382 -17.22 13.05 7.11
N TYR A 383 -18.29 13.80 6.90
CA TYR A 383 -18.32 14.84 5.87
C TYR A 383 -17.06 15.70 5.84
N LEU A 384 -16.35 15.63 4.71
CA LEU A 384 -15.11 16.36 4.49
C LEU A 384 -14.00 15.92 5.42
N GLU A 385 -14.18 14.78 6.08
CA GLU A 385 -13.19 14.32 7.02
C GLU A 385 -11.88 13.81 6.43
N MET A 386 -10.81 13.93 7.21
CA MET A 386 -9.49 13.46 6.82
C MET A 386 -8.64 13.31 8.08
N PRO A 387 -8.48 12.08 8.57
CA PRO A 387 -7.70 11.82 9.77
C PRO A 387 -6.19 12.05 9.67
N ALA A 388 -5.58 12.24 10.85
CA ALA A 388 -4.14 12.41 10.99
C ALA A 388 -3.83 11.25 11.92
N LYS A 389 -4.86 10.88 12.68
CA LYS A 389 -4.83 9.82 13.66
C LYS A 389 -6.23 9.18 13.63
N MET A 390 -6.30 7.90 13.32
CA MET A 390 -7.57 7.23 13.23
C MET A 390 -8.21 6.81 14.57
N GLY A 391 -9.50 6.45 14.52
CA GLY A 391 -10.23 6.06 15.71
C GLY A 391 -11.00 7.21 16.35
N GLY A 398 -11.69 -0.06 14.36
CA GLY A 398 -11.40 -0.87 15.52
C GLY A 398 -9.92 -0.96 15.80
N GLU A 399 -9.23 -1.85 15.07
CA GLU A 399 -7.79 -2.02 15.20
C GLU A 399 -7.01 -0.77 14.83
N ASP A 400 -7.62 0.11 14.03
CA ASP A 400 -6.94 1.34 13.60
C ASP A 400 -6.98 2.51 14.60
N ASN A 401 -7.82 2.39 15.62
CA ASN A 401 -7.96 3.43 16.64
C ASN A 401 -6.64 3.86 17.29
N GLY A 402 -6.32 5.15 17.12
CA GLY A 402 -5.10 5.72 17.68
C GLY A 402 -3.82 5.28 17.00
N LEU A 403 -3.88 4.93 15.71
CA LEU A 403 -2.67 4.48 15.05
C LEU A 403 -1.77 5.51 14.34
N TRP A 404 -2.33 6.61 13.82
CA TRP A 404 -1.56 7.64 13.10
C TRP A 404 -1.59 7.32 11.61
N GLY A 405 -2.14 8.21 10.81
CA GLY A 405 -2.23 7.95 9.39
C GLY A 405 -3.62 8.36 8.94
N CYS A 406 -3.82 8.52 7.63
CA CYS A 406 -5.11 8.97 7.09
C CYS A 406 -6.18 7.92 6.78
N PHE A 407 -5.75 6.74 6.33
CA PHE A 407 -6.70 5.68 6.03
C PHE A 407 -6.06 4.31 5.87
N THR A 408 -6.91 3.30 5.85
CA THR A 408 -6.46 1.94 5.68
C THR A 408 -7.55 1.24 4.91
N TRP A 409 -7.37 -0.06 4.66
CA TRP A 409 -8.36 -0.86 3.95
C TRP A 409 -9.69 -0.90 4.68
N GLY A 410 -9.63 -0.70 6.01
CA GLY A 410 -10.84 -0.72 6.84
C GLY A 410 -11.33 0.63 7.36
N THR A 411 -10.48 1.64 7.39
CA THR A 411 -10.89 2.98 7.82
C THR A 411 -10.90 3.75 6.52
N THR A 412 -12.01 3.65 5.79
CA THR A 412 -12.12 4.27 4.47
C THR A 412 -12.49 5.74 4.26
N GLN A 413 -13.19 6.38 5.21
CA GLN A 413 -13.50 7.80 5.03
C GLN A 413 -12.13 8.42 4.81
N GLY A 414 -12.07 9.47 4.01
CA GLY A 414 -10.77 10.05 3.74
C GLY A 414 -10.50 9.69 2.29
N LEU A 415 -10.72 8.44 1.93
CA LEU A 415 -10.55 8.04 0.55
C LEU A 415 -11.59 8.88 -0.21
N GLY A 416 -12.84 8.80 0.24
CA GLY A 416 -13.92 9.55 -0.38
C GLY A 416 -13.60 11.04 -0.36
N THR A 417 -13.23 11.54 0.82
CA THR A 417 -12.89 12.94 0.97
C THR A 417 -11.91 13.40 -0.11
N ILE A 418 -10.89 12.60 -0.39
CA ILE A 418 -9.92 12.96 -1.42
C ILE A 418 -10.65 13.14 -2.75
N THR A 419 -11.60 12.25 -3.03
CA THR A 419 -12.36 12.34 -4.27
C THR A 419 -13.17 13.64 -4.34
N LEU A 420 -13.62 14.13 -3.19
CA LEU A 420 -14.39 15.36 -3.14
C LEU A 420 -13.49 16.58 -3.35
N ALA A 421 -12.27 16.50 -2.81
CA ALA A 421 -11.32 17.60 -2.93
C ALA A 421 -10.60 17.69 -4.27
N LEU A 422 -10.81 16.69 -5.12
CA LEU A 422 -10.10 16.66 -6.41
C LEU A 422 -10.98 16.61 -7.63
N VAL A 423 -12.23 16.18 -7.46
CA VAL A 423 -13.08 16.04 -8.62
C VAL A 423 -14.37 16.86 -8.65
N GLU A 424 -14.65 17.35 -9.84
CA GLU A 424 -15.82 18.12 -10.18
C GLU A 424 -16.83 18.36 -9.05
N ASN A 425 -17.87 17.52 -9.03
CA ASN A 425 -18.96 17.59 -8.06
C ASN A 425 -19.44 19.01 -7.72
N GLY A 426 -20.75 19.14 -7.49
CA GLY A 426 -21.30 20.45 -7.18
C GLY A 426 -21.50 20.79 -5.71
N LEU A 427 -20.61 20.33 -4.84
CA LEU A 427 -20.74 20.64 -3.42
C LEU A 427 -20.33 22.11 -3.23
N PRO A 428 -21.02 22.84 -2.34
CA PRO A 428 -20.67 24.24 -2.11
C PRO A 428 -19.15 24.37 -2.16
N ALA A 429 -18.66 25.26 -3.01
CA ALA A 429 -17.22 25.48 -3.18
C ALA A 429 -16.57 25.75 -1.83
N THR A 430 -17.40 26.12 -0.86
CA THR A 430 -16.92 26.43 0.49
C THR A 430 -16.47 25.16 1.20
N ASP A 431 -17.31 24.12 1.15
CA ASP A 431 -16.97 22.84 1.78
C ASP A 431 -15.72 22.23 1.14
N ILE A 432 -15.65 22.29 -0.19
CA ILE A 432 -14.50 21.76 -0.92
C ILE A 432 -13.25 22.37 -0.30
N GLN A 433 -13.38 23.63 0.12
CA GLN A 433 -12.28 24.35 0.76
C GLN A 433 -11.89 23.77 2.11
N LYS A 434 -12.89 23.42 2.91
CA LYS A 434 -12.58 22.87 4.22
C LYS A 434 -11.82 21.57 3.93
N ALA A 435 -12.45 20.69 3.14
CA ALA A 435 -11.86 19.42 2.77
C ALA A 435 -10.40 19.53 2.37
N ARG A 436 -10.07 20.52 1.55
CA ARG A 436 -8.69 20.72 1.13
C ARG A 436 -7.80 21.23 2.27
N ASN A 437 -8.42 21.90 3.24
CA ASN A 437 -7.70 22.43 4.40
C ASN A 437 -7.39 21.32 5.38
N ASN A 438 -8.40 20.49 5.64
CA ASN A 438 -8.27 19.37 6.56
C ASN A 438 -7.15 18.47 6.11
N ILE A 439 -7.02 18.31 4.80
CA ILE A 439 -5.96 17.51 4.22
C ILE A 439 -4.62 18.17 4.53
N ALA A 440 -4.52 19.49 4.36
CA ALA A 440 -3.27 20.17 4.64
C ALA A 440 -2.98 20.18 6.13
N LYS A 441 -4.04 20.29 6.94
CA LYS A 441 -3.89 20.25 8.40
C LYS A 441 -3.26 18.90 8.75
N ALA A 442 -3.95 17.85 8.29
CA ALA A 442 -3.51 16.46 8.49
C ALA A 442 -2.03 16.29 8.19
N ALA A 443 -1.57 16.89 7.09
CA ALA A 443 -0.16 16.79 6.71
C ALA A 443 0.75 17.52 7.67
N ASP A 444 0.28 18.65 8.20
CA ASP A 444 1.06 19.44 9.14
C ASP A 444 1.33 18.62 10.39
N ARG A 445 0.32 17.96 10.92
CA ARG A 445 0.52 17.13 12.09
C ARG A 445 1.64 16.13 11.80
N TRP A 446 1.51 15.39 10.70
CA TRP A 446 2.53 14.41 10.36
C TRP A 446 3.87 15.10 10.17
N LEU A 447 3.86 16.29 9.57
CA LEU A 447 5.11 17.02 9.37
C LEU A 447 5.81 17.28 10.72
N GLU A 448 4.99 17.39 11.76
CA GLU A 448 5.50 17.60 13.11
C GLU A 448 6.16 16.30 13.57
N ASN A 449 5.41 15.20 13.51
CA ASN A 449 5.91 13.89 13.89
C ASN A 449 7.34 13.66 13.38
N ILE A 450 7.58 14.10 12.16
CA ILE A 450 8.89 13.93 11.54
C ILE A 450 9.99 14.68 12.29
N GLU A 451 9.66 15.90 12.73
CA GLU A 451 10.59 16.76 13.44
C GLU A 451 10.90 16.24 14.84
N GLU A 452 9.95 15.53 15.43
CA GLU A 452 10.15 14.99 16.76
C GLU A 452 10.63 13.55 16.67
N GLN A 453 10.65 13.00 15.45
CA GLN A 453 11.11 11.63 15.21
C GLN A 453 12.57 11.67 14.86
N GLY A 454 13.33 10.75 15.46
CA GLY A 454 14.76 10.68 15.19
C GLY A 454 15.06 10.32 13.75
N TYR A 455 14.37 9.33 13.22
CA TYR A 455 14.60 8.94 11.82
C TYR A 455 13.64 9.63 10.87
N ARG A 456 13.08 10.74 11.37
CA ARG A 456 12.18 11.55 10.59
C ARG A 456 11.10 10.80 9.81
N LEU A 457 10.33 9.97 10.52
CA LEU A 457 9.22 9.24 9.89
C LEU A 457 7.95 9.96 10.32
N PRO A 458 6.94 9.99 9.44
CA PRO A 458 5.68 10.67 9.76
C PRO A 458 4.74 10.05 10.78
N ILE A 459 5.07 8.86 11.30
CA ILE A 459 4.22 8.23 12.31
C ILE A 459 4.88 8.13 13.68
N LYS A 460 4.06 8.19 14.72
CA LYS A 460 4.57 8.03 16.07
C LYS A 460 3.89 6.77 16.55
N GLN A 461 4.39 6.14 17.60
CA GLN A 461 3.77 4.92 18.08
C GLN A 461 2.26 5.08 18.24
N ALA A 462 1.54 3.96 18.31
CA ALA A 462 0.10 4.01 18.46
C ALA A 462 -0.33 4.59 19.81
N GLU A 463 -1.59 4.96 19.91
CA GLU A 463 -2.11 5.51 21.15
C GLU A 463 -2.84 4.39 21.88
N ASP A 464 -3.07 3.29 21.16
CA ASP A 464 -3.79 2.13 21.69
C ASP A 464 -3.18 1.41 22.90
N GLU A 465 -2.30 2.08 23.62
CA GLU A 465 -1.64 1.49 24.78
C GLU A 465 -1.33 0.03 24.56
N ARG A 466 -0.09 -0.14 24.10
CA ARG A 466 0.56 -1.37 23.70
C ARG A 466 1.52 -0.66 22.76
N GLY A 467 1.00 0.47 22.24
CA GLY A 467 1.73 1.33 21.33
C GLY A 467 2.56 0.58 20.32
N GLY A 468 3.79 1.05 20.13
CA GLY A 468 4.68 0.42 19.17
C GLY A 468 4.19 0.61 17.76
N TYR A 469 4.89 -0.03 16.82
CA TYR A 469 4.52 0.04 15.40
C TYR A 469 3.57 -1.13 15.08
N PRO A 470 2.47 -0.86 14.35
CA PRO A 470 1.48 -1.88 13.97
C PRO A 470 1.84 -2.73 12.75
N TRP A 471 0.99 -3.71 12.48
CA TRP A 471 1.17 -4.61 11.36
C TRP A 471 1.28 -3.75 10.10
N GLY A 472 2.32 -3.98 9.31
CA GLY A 472 2.55 -3.23 8.09
C GLY A 472 2.63 -1.73 8.28
N SER A 473 3.43 -1.30 9.24
CA SER A 473 3.60 0.12 9.55
C SER A 473 3.94 0.96 8.33
N ASN A 474 4.89 0.48 7.54
CA ASN A 474 5.34 1.18 6.34
C ASN A 474 4.19 1.66 5.48
N SER A 475 3.14 0.86 5.37
CA SER A 475 2.02 1.27 4.55
C SER A 475 1.36 2.52 5.12
N PHE A 476 1.45 2.72 6.43
CA PHE A 476 0.85 3.91 7.04
C PHE A 476 1.65 5.13 6.59
N ILE A 477 2.95 4.97 6.52
CA ILE A 477 3.79 6.06 6.08
C ILE A 477 3.43 6.37 4.64
N LEU A 478 3.16 5.33 3.85
CA LEU A 478 2.84 5.50 2.44
C LEU A 478 1.55 6.27 2.22
N ASN A 479 0.48 5.84 2.87
CA ASN A 479 -0.77 6.55 2.69
C ASN A 479 -0.67 8.00 3.12
N GLN A 480 0.16 8.25 4.12
CA GLN A 480 0.38 9.59 4.63
C GLN A 480 1.01 10.38 3.51
N MET A 481 2.04 9.83 2.88
CA MET A 481 2.70 10.55 1.80
C MET A 481 1.74 10.94 0.68
N ILE A 482 0.71 10.12 0.46
CA ILE A 482 -0.24 10.45 -0.58
C ILE A 482 -0.92 11.77 -0.20
N VAL A 483 -1.59 11.77 0.95
CA VAL A 483 -2.29 12.96 1.44
C VAL A 483 -1.35 14.16 1.43
N MET A 484 -0.09 13.94 1.75
CA MET A 484 0.89 15.04 1.71
C MET A 484 0.94 15.53 0.28
N GLY A 485 1.12 14.58 -0.64
CA GLY A 485 1.19 14.87 -2.06
C GLY A 485 0.08 15.77 -2.52
N TYR A 486 -1.13 15.52 -2.03
CA TYR A 486 -2.24 16.36 -2.42
C TYR A 486 -2.07 17.77 -1.85
N ALA A 487 -1.53 17.85 -0.64
CA ALA A 487 -1.30 19.12 0.04
C ALA A 487 -0.40 20.04 -0.77
N TYR A 488 0.67 19.48 -1.34
CA TYR A 488 1.61 20.25 -2.17
C TYR A 488 0.92 20.66 -3.48
N ASP A 489 -0.21 20.03 -3.76
CA ASP A 489 -1.01 20.28 -4.95
C ASP A 489 -1.93 21.47 -4.69
N PHE A 490 -2.45 21.51 -3.47
CA PHE A 490 -3.40 22.52 -3.04
C PHE A 490 -2.77 23.75 -2.41
N THR A 491 -1.46 23.77 -2.26
CA THR A 491 -0.84 24.90 -1.62
C THR A 491 0.43 25.35 -2.31
N GLY A 492 1.24 24.39 -2.73
CA GLY A 492 2.48 24.76 -3.39
C GLY A 492 3.60 24.94 -2.38
N ASP A 493 3.29 24.69 -1.11
CA ASP A 493 4.28 24.82 -0.05
C ASP A 493 5.18 23.57 -0.05
N SER A 494 6.41 23.74 -0.55
CA SER A 494 7.38 22.64 -0.65
C SER A 494 7.71 21.89 0.65
N LYS A 495 7.06 22.28 1.75
CA LYS A 495 7.30 21.60 3.01
C LYS A 495 6.58 20.25 2.94
N TYR A 496 5.42 20.26 2.29
CA TYR A 496 4.66 19.03 2.14
C TYR A 496 5.44 18.05 1.24
N LEU A 497 6.21 18.61 0.32
CA LEU A 497 6.98 17.77 -0.58
C LEU A 497 8.17 17.23 0.19
N ASP A 498 8.82 18.08 0.97
CA ASP A 498 9.95 17.65 1.77
C ASP A 498 9.50 16.55 2.76
N GLY A 499 8.24 16.62 3.17
CA GLY A 499 7.71 15.61 4.08
C GLY A 499 7.75 14.25 3.39
N MET A 500 7.32 14.24 2.15
CA MET A 500 7.32 13.04 1.35
C MET A 500 8.78 12.61 1.26
N PHE A 501 9.66 13.56 1.02
CA PHE A 501 11.08 13.24 0.91
C PHE A 501 11.59 12.51 2.15
N ASP A 502 11.03 12.85 3.32
CA ASP A 502 11.43 12.22 4.58
C ASP A 502 10.79 10.85 4.70
N GLY A 503 9.49 10.77 4.41
CA GLY A 503 8.81 9.49 4.47
C GLY A 503 9.55 8.43 3.69
N ILE A 504 9.71 8.66 2.39
CA ILE A 504 10.39 7.71 1.50
C ILE A 504 11.85 7.47 1.86
N SER A 505 12.52 8.47 2.42
CA SER A 505 13.93 8.27 2.77
C SER A 505 14.00 7.18 3.83
N TYR A 506 13.02 7.20 4.72
CA TYR A 506 12.92 6.24 5.81
C TYR A 506 12.75 4.82 5.26
N LEU A 507 11.83 4.68 4.31
CA LEU A 507 11.55 3.40 3.68
C LEU A 507 12.75 2.84 2.91
N LEU A 508 13.63 3.72 2.46
CA LEU A 508 14.78 3.27 1.69
C LEU A 508 16.13 3.16 2.43
N GLY A 509 16.11 3.15 3.76
CA GLY A 509 17.38 3.02 4.44
C GLY A 509 17.67 3.91 5.64
N ARG A 510 17.12 5.12 5.66
CA ARG A 510 17.36 5.97 6.80
C ARG A 510 16.41 5.52 7.93
N ASN A 511 16.70 4.34 8.49
CA ASN A 511 15.89 3.78 9.57
C ASN A 511 16.80 3.03 10.54
N ALA A 512 16.25 2.67 11.71
CA ALA A 512 17.02 1.98 12.74
C ALA A 512 17.51 0.59 12.36
N MET A 513 17.12 0.10 11.18
CA MET A 513 17.55 -1.22 10.73
C MET A 513 18.54 -1.09 9.58
N ASP A 514 18.71 0.14 9.09
CA ASP A 514 19.58 0.39 7.95
C ASP A 514 19.07 -0.54 6.86
N GLN A 515 17.76 -0.75 6.85
CA GLN A 515 17.13 -1.63 5.89
C GLN A 515 16.28 -0.95 4.80
N SER A 516 16.47 -1.39 3.55
CA SER A 516 15.66 -0.89 2.45
C SER A 516 14.48 -1.86 2.40
N TYR A 517 13.29 -1.39 2.73
CA TYR A 517 12.12 -2.23 2.73
C TYR A 517 11.52 -2.47 1.33
N VAL A 518 12.27 -2.12 0.30
CA VAL A 518 11.80 -2.30 -1.07
C VAL A 518 12.73 -3.30 -1.73
N THR A 519 12.17 -4.27 -2.44
CA THR A 519 12.99 -5.27 -3.13
C THR A 519 13.76 -4.62 -4.28
N GLY A 520 14.96 -5.14 -4.52
CA GLY A 520 15.78 -4.64 -5.60
C GLY A 520 16.31 -3.22 -5.51
N TYR A 521 16.36 -2.65 -4.31
CA TYR A 521 16.89 -1.31 -4.19
C TYR A 521 17.68 -1.12 -2.90
N GLY A 522 18.82 -0.46 -3.03
CA GLY A 522 19.67 -0.21 -1.88
C GLY A 522 20.85 -1.17 -1.74
N GLU A 523 21.73 -0.88 -0.80
CA GLU A 523 22.90 -1.73 -0.56
C GLU A 523 22.47 -2.93 0.27
N ARG A 524 21.43 -2.74 1.09
CA ARG A 524 20.86 -3.80 1.91
C ARG A 524 19.38 -3.82 1.52
N PRO A 525 19.05 -4.41 0.35
CA PRO A 525 17.67 -4.48 -0.14
C PRO A 525 16.82 -5.52 0.59
N LEU A 526 15.50 -5.43 0.44
CA LEU A 526 14.62 -6.40 1.07
C LEU A 526 14.78 -7.64 0.19
N GLN A 527 15.28 -8.74 0.76
CA GLN A 527 15.51 -9.93 -0.04
C GLN A 527 14.65 -11.17 0.18
N ASN A 528 14.00 -11.28 1.33
CA ASN A 528 13.21 -12.47 1.62
C ASN A 528 11.77 -12.20 2.07
N PRO A 529 10.96 -11.62 1.19
CA PRO A 529 9.57 -11.35 1.58
C PRO A 529 8.79 -12.62 1.84
N HIS A 530 7.71 -12.49 2.60
CA HIS A 530 6.86 -13.62 2.90
C HIS A 530 5.92 -13.80 1.72
N ASP A 531 6.33 -14.63 0.78
CA ASP A 531 5.54 -14.89 -0.42
C ASP A 531 5.71 -16.37 -0.74
N ARG A 532 4.68 -16.97 -1.30
CA ARG A 532 4.72 -18.39 -1.60
C ARG A 532 5.49 -18.77 -2.87
N PHE A 533 5.80 -17.79 -3.72
CA PHE A 533 6.52 -18.07 -4.95
C PHE A 533 7.94 -17.54 -4.88
N TRP A 534 8.09 -16.25 -4.60
CA TRP A 534 9.42 -15.63 -4.52
C TRP A 534 10.07 -15.84 -3.14
N THR A 535 10.38 -17.08 -2.81
CA THR A 535 10.95 -17.39 -1.51
C THR A 535 12.17 -18.32 -1.55
N PRO A 536 13.33 -17.78 -1.94
CA PRO A 536 14.59 -18.54 -2.03
C PRO A 536 14.94 -19.28 -0.75
N GLN A 537 14.57 -18.70 0.41
CA GLN A 537 14.86 -19.30 1.71
C GLN A 537 14.09 -20.58 1.97
N THR A 538 12.96 -20.76 1.30
CA THR A 538 12.17 -21.98 1.47
C THR A 538 12.90 -23.10 0.71
N SER A 539 13.31 -22.78 -0.51
CA SER A 539 14.03 -23.71 -1.37
C SER A 539 14.63 -22.97 -2.55
N LYS A 540 15.89 -23.27 -2.85
CA LYS A 540 16.58 -22.63 -3.95
C LYS A 540 15.83 -22.82 -5.26
N ARG A 541 14.78 -23.64 -5.22
CA ARG A 541 13.97 -23.91 -6.40
C ARG A 541 13.24 -22.64 -6.81
N PHE A 542 12.93 -21.78 -5.84
CA PHE A 542 12.22 -20.53 -6.09
C PHE A 542 13.14 -19.32 -6.20
N PRO A 543 12.78 -18.37 -7.10
CA PRO A 543 13.47 -17.12 -7.43
C PRO A 543 13.32 -15.94 -6.48
N ALA A 544 14.37 -15.11 -6.38
CA ALA A 544 14.28 -13.89 -5.59
C ALA A 544 13.15 -13.09 -6.26
N PRO A 545 12.43 -12.26 -5.50
CA PRO A 545 11.32 -11.47 -6.05
C PRO A 545 11.69 -10.33 -6.99
N PRO A 546 10.72 -9.83 -7.77
CA PRO A 546 10.98 -8.72 -8.71
C PRO A 546 11.28 -7.46 -7.88
N PRO A 547 11.81 -6.41 -8.52
CA PRO A 547 12.13 -5.18 -7.80
C PRO A 547 10.91 -4.25 -7.62
N GLY A 548 11.01 -3.31 -6.67
CA GLY A 548 9.93 -2.37 -6.44
C GLY A 548 8.75 -2.83 -5.61
N ILE A 549 8.96 -3.85 -4.79
CA ILE A 549 7.92 -4.37 -3.91
C ILE A 549 8.35 -4.04 -2.48
N ILE A 550 7.46 -3.42 -1.71
CA ILE A 550 7.79 -3.02 -0.35
C ILE A 550 7.24 -3.93 0.74
N SER A 551 8.02 -4.03 1.81
CA SER A 551 7.72 -4.85 2.98
C SER A 551 6.81 -4.11 3.94
N GLY A 552 6.03 -4.84 4.71
CA GLY A 552 5.15 -4.20 5.67
C GLY A 552 5.95 -3.46 6.75
N GLY A 553 7.17 -3.95 6.97
CA GLY A 553 8.03 -3.32 7.95
C GLY A 553 7.76 -3.68 9.41
N PRO A 554 8.37 -2.93 10.34
CA PRO A 554 8.24 -3.12 11.79
C PRO A 554 6.83 -3.30 12.30
N ASN A 555 6.70 -4.26 13.21
CA ASN A 555 5.44 -4.61 13.85
C ASN A 555 5.87 -5.14 15.22
N SER A 556 5.73 -4.30 16.24
CA SER A 556 6.14 -4.68 17.58
C SER A 556 5.13 -5.54 18.36
N ARG A 557 4.23 -6.21 17.64
CA ARG A 557 3.25 -7.04 18.33
C ARG A 557 3.64 -8.52 18.26
N PHE A 558 4.87 -8.79 17.84
CA PHE A 558 5.36 -10.16 17.74
C PHE A 558 4.23 -11.10 17.30
N GLU A 559 3.65 -10.82 16.13
CA GLU A 559 2.54 -11.62 15.65
C GLU A 559 2.86 -12.80 14.72
N ASP A 560 4.10 -13.27 14.76
CA ASP A 560 4.51 -14.45 14.00
C ASP A 560 5.68 -15.11 14.72
N PRO A 561 5.78 -16.44 14.66
CA PRO A 561 6.84 -17.21 15.31
C PRO A 561 8.26 -16.73 15.08
N THR A 562 8.60 -16.52 13.82
CA THR A 562 9.93 -16.09 13.46
C THR A 562 10.39 -14.81 14.17
N ILE A 563 9.64 -13.72 14.08
CA ILE A 563 10.04 -12.48 14.75
C ILE A 563 10.00 -12.62 16.27
N ASN A 564 9.34 -13.68 16.74
CA ASN A 564 9.27 -13.93 18.17
C ASN A 564 10.57 -14.56 18.65
N ALA A 565 11.11 -15.47 17.85
CA ALA A 565 12.34 -16.17 18.18
C ALA A 565 13.59 -15.40 17.78
N ALA A 566 13.45 -14.50 16.81
CA ALA A 566 14.59 -13.74 16.32
C ALA A 566 14.99 -12.50 17.12
N VAL A 567 14.07 -11.94 17.91
CA VAL A 567 14.36 -10.74 18.69
C VAL A 567 13.80 -10.73 20.12
N LYS A 568 14.55 -10.13 21.04
CA LYS A 568 14.16 -10.05 22.44
C LYS A 568 12.79 -9.41 22.60
N LYS A 569 12.15 -9.77 23.71
CA LYS A 569 10.80 -9.30 24.04
C LYS A 569 10.66 -7.79 24.21
N ASP A 570 11.77 -7.10 24.45
CA ASP A 570 11.71 -5.66 24.67
C ASP A 570 12.25 -4.81 23.53
N THR A 571 12.51 -5.44 22.39
CA THR A 571 13.04 -4.74 21.23
C THR A 571 12.20 -3.51 20.86
N PRO A 572 12.87 -2.38 20.58
CA PRO A 572 12.23 -1.12 20.21
C PRO A 572 11.33 -1.29 18.97
N PRO A 573 10.11 -0.71 19.01
CA PRO A 573 9.15 -0.82 17.89
C PRO A 573 9.73 -0.75 16.47
N GLN A 574 10.60 0.23 16.23
CA GLN A 574 11.19 0.42 14.91
C GLN A 574 12.22 -0.64 14.56
N LYS A 575 12.49 -1.53 15.52
CA LYS A 575 13.47 -2.58 15.28
C LYS A 575 12.82 -3.95 15.28
N CYS A 576 11.51 -3.98 15.48
CA CYS A 576 10.80 -5.25 15.49
C CYS A 576 10.54 -5.70 14.07
N PHE A 577 11.61 -6.08 13.39
CA PHE A 577 11.51 -6.52 12.01
C PHE A 577 12.61 -7.52 11.74
N ILE A 578 12.35 -8.39 10.78
CA ILE A 578 13.32 -9.38 10.37
C ILE A 578 13.02 -9.70 8.91
N ASP A 579 14.04 -9.58 8.06
CA ASP A 579 13.86 -9.87 6.64
C ASP A 579 14.00 -11.38 6.42
N HIS A 580 12.93 -12.09 6.75
CA HIS A 580 12.90 -13.54 6.63
C HIS A 580 11.56 -13.92 6.07
N THR A 581 11.59 -14.77 5.05
CA THR A 581 10.38 -15.21 4.39
C THR A 581 9.29 -15.78 5.32
N ASP A 582 9.68 -16.30 6.49
CA ASP A 582 8.67 -16.85 7.39
C ASP A 582 7.97 -15.81 8.25
N SER A 583 8.61 -14.66 8.46
CA SER A 583 7.98 -13.63 9.29
C SER A 583 6.80 -12.93 8.59
N TRP A 584 5.65 -13.59 8.55
CA TRP A 584 4.48 -13.02 7.87
C TRP A 584 3.95 -11.73 8.49
N GLY A 585 4.15 -11.53 9.79
CA GLY A 585 3.65 -10.31 10.43
C GLY A 585 4.63 -9.13 10.27
N THR A 586 5.83 -9.41 9.77
CA THR A 586 6.79 -8.32 9.61
C THR A 586 7.38 -8.13 8.23
N ASN A 587 7.38 -9.17 7.41
CA ASN A 587 8.00 -9.08 6.10
C ASN A 587 7.16 -9.55 4.92
N GLN A 588 5.87 -9.23 4.95
CA GLN A 588 4.96 -9.62 3.88
C GLN A 588 4.75 -8.49 2.86
N ILE A 589 4.21 -8.85 1.69
CA ILE A 589 3.95 -7.90 0.61
C ILE A 589 2.48 -8.00 0.18
N THR A 590 1.85 -6.87 -0.10
CA THR A 590 0.43 -6.89 -0.46
C THR A 590 0.04 -5.93 -1.57
N VAL A 591 -1.25 -5.98 -1.95
CA VAL A 591 -1.81 -5.06 -2.94
C VAL A 591 -2.13 -3.68 -2.32
N ASN A 592 -2.54 -3.68 -1.05
CA ASN A 592 -2.86 -2.43 -0.39
C ASN A 592 -1.62 -1.70 0.09
N TRP A 593 -0.44 -2.27 -0.16
CA TRP A 593 0.81 -1.62 0.20
C TRP A 593 1.60 -1.22 -1.05
N ASN A 594 1.54 -2.03 -2.10
CA ASN A 594 2.26 -1.68 -3.30
C ASN A 594 1.48 -0.65 -4.14
N ALA A 595 0.16 -0.59 -3.95
CA ALA A 595 -0.62 0.39 -4.67
C ALA A 595 -0.19 1.75 -4.15
N PRO A 596 -0.27 1.98 -2.83
CA PRO A 596 0.15 3.28 -2.33
C PRO A 596 1.66 3.55 -2.61
N PHE A 597 2.48 2.50 -2.64
CA PHE A 597 3.91 2.67 -2.90
C PHE A 597 4.12 3.15 -4.34
N ALA A 598 3.19 2.76 -5.21
CA ALA A 598 3.27 3.13 -6.62
C ALA A 598 2.78 4.56 -6.79
N TRP A 599 1.66 4.87 -6.17
CA TRP A 599 1.07 6.20 -6.22
C TRP A 599 2.20 7.17 -5.90
N VAL A 600 2.91 6.86 -4.82
CA VAL A 600 4.01 7.68 -4.31
C VAL A 600 5.28 7.75 -5.17
N THR A 601 5.69 6.63 -5.74
CA THR A 601 6.89 6.67 -6.57
C THR A 601 6.64 7.49 -7.85
N ALA A 602 5.43 7.36 -8.38
CA ALA A 602 5.00 8.09 -9.57
C ALA A 602 5.07 9.59 -9.28
N TYR A 603 4.39 9.96 -8.20
CA TYR A 603 4.35 11.33 -7.76
C TYR A 603 5.73 11.94 -7.68
N LEU A 604 6.65 11.25 -7.02
CA LEU A 604 8.01 11.75 -6.86
C LEU A 604 8.75 11.84 -8.18
N ASP A 605 8.34 11.04 -9.16
CA ASP A 605 9.01 11.10 -10.46
C ASP A 605 8.56 12.33 -11.26
N GLU A 606 7.30 12.72 -11.13
CA GLU A 606 6.84 13.89 -11.88
C GLU A 606 7.34 15.19 -11.24
N GLN A 607 7.20 15.28 -9.92
CA GLN A 607 7.65 16.47 -9.18
C GLN A 607 9.06 16.79 -9.59
N TYR A 608 9.66 15.86 -10.34
CA TYR A 608 11.01 16.00 -10.86
C TYR A 608 10.96 16.26 -12.38
C2 BGC B . 0.90 -21.09 9.20
C3 BGC B . -0.04 -20.15 8.39
C4 BGC B . 0.76 -19.37 7.35
C5 BGC B . 1.42 -20.42 6.42
C6 BGC B . 2.28 -19.82 5.32
C1 BGC B . 1.71 -22.08 8.29
O1 BGC B . 0.81 -22.99 7.73
O2 BGC B . 0.12 -21.84 10.14
O3 BGC B . -0.66 -19.21 9.27
O4 BGC B . -0.13 -18.49 6.60
O5 BGC B . 2.32 -21.38 7.16
O6 BGC B . 3.49 -19.24 5.85
C2 BGC B . -0.11 -16.52 5.27
C3 BGC B . 0.01 -15.00 5.29
C4 BGC B . -1.11 -14.44 6.18
C5 BGC B . -0.91 -15.04 7.62
C6 BGC B . -1.96 -14.57 8.61
C1 BGC B . 0.02 -17.10 6.67
O2 BGC B . 0.90 -17.09 4.47
O3 BGC B . -0.11 -14.52 3.96
O4 BGC B . -1.05 -12.97 6.21
O5 BGC B . -0.98 -16.52 7.55
O6 BGC B . -2.10 -15.46 9.70
C2 BGC B . -3.46 -12.36 5.94
C3 BGC B . -4.04 -10.96 5.74
C4 BGC B . -3.06 -9.82 6.17
C5 BGC B . -2.24 -9.90 4.86
C6 BGC B . -1.21 -8.81 4.68
C1 BGC B . -2.10 -12.47 5.18
O2 BGC B . -4.40 -13.15 5.27
O3 BGC B . -5.14 -10.75 6.55
O4 BGC B . -3.75 -8.54 6.31
O5 BGC B . -1.52 -11.17 4.73
O6 BGC B . -0.45 -8.57 5.86
C2 BGC B . -3.72 -6.37 7.43
C3 BGC B . -3.40 -5.72 8.77
C4 BGC B . -4.29 -6.33 9.84
C5 BGC B . -3.99 -7.85 9.92
C6 BGC B . -4.82 -8.56 10.97
C1 BGC B . -3.46 -7.90 7.54
O2 BGC B . -2.90 -5.83 6.40
O3 BGC B . -3.66 -4.33 8.68
O4 BGC B . -4.02 -5.71 11.09
O5 BGC B . -4.25 -8.49 8.62
O6 BGC B . -4.25 -8.38 12.27
CA CA C . -14.93 0.62 8.12
CA CA D . -3.72 -0.30 -22.81
#